data_5BP9
#
_entry.id   5BP9
#
_cell.length_a   41.732
_cell.length_b   70.660
_cell.length_c   78.743
_cell.angle_alpha   90.000
_cell.angle_beta   90.000
_cell.angle_gamma   90.000
#
_symmetry.space_group_name_H-M   'P 21 21 21'
#
loop_
_entity.id
_entity.type
_entity.pdbx_description
1 polymer 'Putative methyltransferase protein'
2 non-polymer 2-{2-[2-2-(METHOXY-ETHOXY)-ETHOXY]-ETHOXY}-ETHANOL
3 non-polymer 'TETRAETHYLENE GLYCOL'
4 non-polymer S-ADENOSYL-L-HOMOCYSTEINE
5 water water
#
_entity_poly.entity_id   1
_entity_poly.type   'polypeptide(L)'
_entity_poly.pdbx_seq_one_letter_code
;(MSE)HHHHHHSSGVDLGTENLYFQS(MSE)NSLSLPAVTTKNQS(MSE)NTSLLPAEKDP(MSE)GAAIADFYHRQKAD
RLRVFSSQFDEDEIPVKQLFRKAGQ(MSE)PLLERTALA(MSE)ATGTILDVGAGSGCHALALQESGKEVSAIDISPLSV
EV(MSE)KLRGVKDARQVNLFDERFAATFDTIL(MSE)L(MSE)NGSGIIGRLEN(MSE)PLFFRK(MSE)KQLLRPDGC
IL(MSE)DSSDLRYLFEDEDGSFLIDLAGDYYGEIDFR(MSE)QYKDIQGDPFDWLYIDFQTLSAYAADNGFKAE(MSE)
IKEGKHYDYLARLTVAL
;
_entity_poly.pdbx_strand_id   A
#
# COMPACT_ATOMS: atom_id res chain seq x y z
N SER A 37 -0.10 -16.86 -12.10
CA SER A 37 0.98 -16.89 -11.05
C SER A 37 0.71 -15.88 -9.93
N ASN A 39 2.71 -13.69 -8.85
CA ASN A 39 3.27 -12.36 -9.19
C ASN A 39 2.44 -11.54 -10.18
N THR A 40 1.56 -12.20 -10.95
CA THR A 40 0.75 -11.51 -11.97
C THR A 40 -0.70 -11.37 -11.58
N SER A 41 -1.10 -11.99 -10.45
CA SER A 41 -2.51 -12.07 -10.08
C SER A 41 -3.19 -10.69 -9.91
N LEU A 42 -4.40 -10.60 -10.46
CA LEU A 42 -5.28 -9.45 -10.35
C LEU A 42 -6.55 -9.88 -9.63
N LEU A 43 -7.28 -8.91 -9.09
CA LEU A 43 -8.56 -9.25 -8.42
C LEU A 43 -9.68 -9.29 -9.47
N PRO A 44 -10.49 -10.38 -9.44
CA PRO A 44 -11.70 -10.33 -10.26
C PRO A 44 -12.69 -9.34 -9.64
N ALA A 45 -13.45 -8.62 -10.47
CA ALA A 45 -14.38 -7.61 -9.98
C ALA A 45 -15.41 -8.19 -8.99
N GLU A 46 -15.79 -9.45 -9.20
CA GLU A 46 -16.73 -10.14 -8.33
C GLU A 46 -16.16 -10.47 -6.94
N LYS A 47 -14.82 -10.36 -6.79
CA LYS A 47 -14.14 -10.58 -5.51
C LYS A 47 -13.26 -9.36 -5.18
N ASP A 48 -13.79 -8.17 -5.46
CA ASP A 48 -13.06 -6.90 -5.26
C ASP A 48 -13.86 -5.99 -4.33
N PRO A 49 -13.86 -6.31 -3.04
CA PRO A 49 -14.72 -5.53 -2.12
C PRO A 49 -14.31 -4.06 -1.96
N GLY A 51 -12.59 -2.14 -4.14
CA GLY A 51 -12.96 -1.48 -5.40
C GLY A 51 -14.45 -1.24 -5.51
N ALA A 52 -15.25 -2.21 -5.09
CA ALA A 52 -16.71 -2.05 -5.15
C ALA A 52 -17.18 -0.91 -4.25
N ALA A 53 -16.58 -0.78 -3.06
CA ALA A 53 -16.90 0.32 -2.14
C ALA A 53 -16.58 1.68 -2.74
N ILE A 54 -15.38 1.76 -3.30
CA ILE A 54 -14.87 2.97 -3.97
C ILE A 54 -15.79 3.32 -5.15
N ALA A 55 -16.16 2.34 -5.95
CA ALA A 55 -17.05 2.58 -7.11
C ALA A 55 -18.45 3.04 -6.70
N ASP A 56 -19.01 2.45 -5.65
CA ASP A 56 -20.30 2.92 -5.14
C ASP A 56 -20.23 4.38 -4.74
N PHE A 57 -19.20 4.74 -3.98
CA PHE A 57 -19.06 6.10 -3.50
C PHE A 57 -18.81 7.08 -4.65
N TYR A 58 -18.01 6.68 -5.63
CA TYR A 58 -17.74 7.55 -6.75
C TYR A 58 -19.02 7.79 -7.57
N HIS A 59 -19.73 6.72 -7.88
CA HIS A 59 -20.90 6.84 -8.76
C HIS A 59 -22.10 7.43 -8.03
N ARG A 60 -22.25 7.11 -6.73
CA ARG A 60 -23.47 7.46 -5.98
C ARG A 60 -23.31 8.36 -4.75
N GLN A 61 -22.06 8.70 -4.39
CA GLN A 61 -21.75 9.52 -3.22
C GLN A 61 -22.31 8.97 -1.90
N LYS A 62 -22.59 7.66 -1.91
CA LYS A 62 -23.14 6.91 -0.77
C LYS A 62 -22.56 5.50 -0.85
N ALA A 63 -22.42 4.84 0.30
CA ALA A 63 -21.88 3.49 0.34
C ALA A 63 -22.24 2.80 1.65
N ASP A 64 -22.32 1.47 1.61
CA ASP A 64 -22.40 0.64 2.80
C ASP A 64 -20.96 0.63 3.39
N ARG A 65 -20.78 -0.14 4.45
CA ARG A 65 -19.50 -0.20 5.13
C ARG A 65 -18.59 -1.24 4.51
N LEU A 66 -17.32 -0.89 4.40
CA LEU A 66 -16.28 -1.82 3.97
C LEU A 66 -15.77 -2.53 5.23
N ARG A 67 -16.04 -3.83 5.31
CA ARG A 67 -15.78 -4.62 6.52
C ARG A 67 -14.45 -5.34 6.34
N VAL A 68 -13.68 -5.42 7.44
CA VAL A 68 -12.35 -6.05 7.44
CA VAL A 68 -12.37 -6.07 7.41
C VAL A 68 -12.27 -7.08 8.55
N PHE A 69 -11.92 -8.31 8.16
CA PHE A 69 -11.76 -9.44 9.06
C PHE A 69 -10.28 -9.84 9.10
N SER A 70 -9.88 -10.56 10.15
CA SER A 70 -8.50 -10.97 10.31
C SER A 70 -8.43 -12.17 11.22
N SER A 71 -7.40 -13.02 11.04
CA SER A 71 -7.19 -14.11 12.00
CA SER A 71 -7.11 -14.11 11.97
C SER A 71 -6.64 -13.60 13.35
N GLN A 72 -6.08 -12.37 13.37
CA GLN A 72 -5.41 -11.80 14.56
CA GLN A 72 -5.44 -11.81 14.57
C GLN A 72 -6.25 -10.75 15.30
N PHE A 73 -7.16 -10.09 14.59
CA PHE A 73 -7.92 -8.94 15.11
C PHE A 73 -9.42 -9.15 14.92
N ASP A 74 -10.22 -8.52 15.78
CA ASP A 74 -11.68 -8.60 15.67
C ASP A 74 -12.15 -7.81 14.44
N GLU A 75 -13.38 -8.10 14.02
CA GLU A 75 -13.95 -7.45 12.84
CA GLU A 75 -13.94 -7.44 12.82
C GLU A 75 -13.98 -5.93 13.02
N ASP A 76 -13.67 -5.20 11.95
CA ASP A 76 -13.68 -3.75 11.96
C ASP A 76 -14.18 -3.24 10.62
N GLU A 77 -14.13 -1.93 10.43
CA GLU A 77 -14.46 -1.27 9.17
C GLU A 77 -13.33 -0.33 8.71
N ILE A 78 -13.28 -0.13 7.39
CA ILE A 78 -12.42 0.85 6.76
C ILE A 78 -13.34 1.96 6.27
N PRO A 79 -13.27 3.17 6.87
CA PRO A 79 -14.20 4.24 6.42
C PRO A 79 -14.01 4.62 4.94
N VAL A 80 -15.10 4.62 4.18
CA VAL A 80 -15.00 4.73 2.70
C VAL A 80 -14.73 6.17 2.25
N LYS A 81 -15.37 7.14 2.87
CA LYS A 81 -15.08 8.55 2.55
C LYS A 81 -13.57 8.88 2.68
N GLN A 82 -12.90 8.29 3.67
CA GLN A 82 -11.48 8.54 3.93
C GLN A 82 -10.55 8.00 2.82
N LEU A 83 -11.02 6.99 2.10
CA LEU A 83 -10.30 6.53 0.89
C LEU A 83 -10.25 7.56 -0.22
N PHE A 84 -11.12 8.58 -0.14
CA PHE A 84 -11.16 9.75 -1.04
C PHE A 84 -10.61 11.07 -0.43
N ARG A 85 -9.71 10.96 0.55
CA ARG A 85 -9.08 12.15 1.16
C ARG A 85 -8.23 12.98 0.15
N LYS A 86 -8.41 14.30 0.18
CA LYS A 86 -7.68 15.24 -0.70
C LYS A 86 -6.32 15.62 -0.09
N GLN A 89 -6.15 17.02 3.46
CA GLN A 89 -6.72 16.10 4.47
C GLN A 89 -5.98 14.78 4.68
N PRO A 91 -2.94 12.25 6.02
CA PRO A 91 -2.13 12.27 7.24
C PRO A 91 -0.69 12.74 7.06
N LEU A 92 -0.07 13.15 8.16
CA LEU A 92 1.28 13.71 8.18
C LEU A 92 2.28 12.95 7.31
N LEU A 93 2.35 11.64 7.50
CA LEU A 93 3.40 10.89 6.81
C LEU A 93 3.18 10.86 5.30
N GLU A 94 1.92 10.84 4.90
CA GLU A 94 1.57 10.84 3.49
C GLU A 94 1.83 12.21 2.87
N ARG A 95 1.43 13.28 3.57
CA ARG A 95 1.69 14.64 3.09
C ARG A 95 3.19 14.85 2.91
N THR A 96 3.98 14.34 3.86
CA THR A 96 5.42 14.51 3.85
C THR A 96 6.00 13.82 2.61
N ALA A 97 5.55 12.60 2.36
CA ALA A 97 6.00 11.87 1.19
C ALA A 97 5.65 12.52 -0.14
N LEU A 98 4.41 12.98 -0.32
CA LEU A 98 4.01 13.64 -1.55
C LEU A 98 4.83 14.87 -1.86
N ALA A 99 5.11 15.68 -0.82
CA ALA A 99 5.92 16.88 -1.00
C ALA A 99 7.35 16.59 -1.44
N ALA A 101 8.23 13.86 -3.25
CA ALA A 101 8.22 13.07 -4.46
C ALA A 101 8.60 13.94 -5.65
N THR A 102 9.57 13.46 -6.42
CA THR A 102 10.05 14.19 -7.59
C THR A 102 10.20 13.30 -8.79
N GLY A 103 10.33 13.95 -9.94
CA GLY A 103 10.57 13.24 -11.21
C GLY A 103 9.38 12.39 -11.62
N THR A 104 9.68 11.26 -12.25
CA THR A 104 8.64 10.36 -12.67
C THR A 104 8.31 9.46 -11.49
N ILE A 105 7.04 9.48 -11.11
CA ILE A 105 6.59 8.87 -9.85
C ILE A 105 5.67 7.68 -10.12
N LEU A 106 5.91 6.58 -9.38
CA LEU A 106 4.99 5.44 -9.36
C LEU A 106 4.20 5.44 -8.04
N ASP A 107 2.89 5.51 -8.16
CA ASP A 107 1.97 5.39 -7.03
C ASP A 107 1.47 3.93 -6.96
N VAL A 108 2.09 3.17 -6.04
CA VAL A 108 1.82 1.71 -5.92
C VAL A 108 0.59 1.48 -5.06
N GLY A 109 -0.36 0.71 -5.58
CA GLY A 109 -1.60 0.37 -4.85
C GLY A 109 -2.40 1.63 -4.65
N ALA A 110 -2.65 2.33 -5.75
CA ALA A 110 -3.15 3.70 -5.70
C ALA A 110 -4.62 3.89 -5.27
N GLY A 111 -5.38 2.79 -5.27
CA GLY A 111 -6.73 2.81 -4.70
C GLY A 111 -7.66 3.75 -5.43
N SER A 112 -8.23 4.73 -4.71
CA SER A 112 -9.14 5.69 -5.35
C SER A 112 -8.42 6.73 -6.20
N GLY A 113 -7.09 6.78 -6.14
CA GLY A 113 -6.31 7.78 -6.88
C GLY A 113 -6.04 9.08 -6.15
N CYS A 114 -6.33 9.13 -4.85
CA CYS A 114 -6.13 10.33 -4.06
C CYS A 114 -4.71 10.89 -4.16
N HIS A 115 -3.70 10.03 -3.99
CA HIS A 115 -2.33 10.50 -4.05
C HIS A 115 -1.99 10.94 -5.46
N ALA A 116 -2.39 10.13 -6.45
CA ALA A 116 -2.09 10.43 -7.85
C ALA A 116 -2.70 11.76 -8.25
N LEU A 117 -3.96 12.00 -7.90
CA LEU A 117 -4.59 13.31 -8.16
C LEU A 117 -3.88 14.49 -7.51
N ALA A 118 -3.47 14.33 -6.27
CA ALA A 118 -2.72 15.39 -5.58
C ALA A 118 -1.42 15.69 -6.29
N LEU A 119 -0.72 14.64 -6.71
CA LEU A 119 0.54 14.85 -7.42
C LEU A 119 0.33 15.55 -8.76
N GLN A 120 -0.70 15.15 -9.50
CA GLN A 120 -1.02 15.77 -10.80
C GLN A 120 -1.25 17.22 -10.65
N GLU A 121 -1.95 17.57 -9.59
CA GLU A 121 -2.23 18.97 -9.30
C GLU A 121 -1.01 19.83 -8.98
N SER A 122 0.04 19.22 -8.45
CA SER A 122 1.34 19.86 -8.29
C SER A 122 2.08 20.00 -9.61
N GLY A 123 1.53 19.43 -10.68
CA GLY A 123 2.18 19.37 -11.99
C GLY A 123 3.18 18.24 -12.12
N LYS A 124 3.12 17.24 -11.22
CA LYS A 124 4.08 16.15 -11.22
C LYS A 124 3.64 15.03 -12.15
N GLU A 125 4.63 14.28 -12.62
CA GLU A 125 4.42 13.14 -13.52
CA GLU A 125 4.45 13.13 -13.53
C GLU A 125 4.25 11.86 -12.69
N VAL A 126 3.07 11.25 -12.80
CA VAL A 126 2.73 10.07 -11.99
C VAL A 126 2.05 8.99 -12.82
N SER A 127 2.46 7.75 -12.55
CA SER A 127 1.81 6.53 -13.04
C SER A 127 1.25 5.84 -11.81
N ALA A 128 0.00 5.41 -11.87
CA ALA A 128 -0.65 4.75 -10.74
C ALA A 128 -0.99 3.30 -11.13
N ILE A 129 -0.77 2.35 -10.21
CA ILE A 129 -1.10 0.96 -10.47
C ILE A 129 -1.91 0.39 -9.31
N ASP A 130 -2.79 -0.56 -9.62
CA ASP A 130 -3.53 -1.29 -8.61
C ASP A 130 -4.02 -2.59 -9.22
N ILE A 131 -4.18 -3.61 -8.39
CA ILE A 131 -4.72 -4.89 -8.86
C ILE A 131 -6.27 -4.93 -8.89
N SER A 132 -6.91 -3.92 -8.29
CA SER A 132 -8.38 -3.83 -8.21
C SER A 132 -8.94 -3.23 -9.50
N PRO A 133 -9.82 -3.97 -10.21
CA PRO A 133 -10.32 -3.40 -11.47
C PRO A 133 -11.23 -2.22 -11.26
N LEU A 134 -12.05 -2.28 -10.22
CA LEU A 134 -13.00 -1.20 -9.96
C LEU A 134 -12.30 0.06 -9.44
N SER A 135 -11.18 -0.10 -8.71
CA SER A 135 -10.37 1.03 -8.29
C SER A 135 -9.77 1.73 -9.48
N VAL A 136 -9.23 0.96 -10.43
CA VAL A 136 -8.67 1.53 -11.65
C VAL A 136 -9.74 2.27 -12.48
N GLU A 137 -10.95 1.69 -12.55
CA GLU A 137 -12.10 2.36 -13.20
C GLU A 137 -12.30 3.73 -12.64
N VAL A 138 -12.42 3.79 -11.31
CA VAL A 138 -12.67 5.04 -10.62
C VAL A 138 -11.55 6.05 -10.83
N LYS A 140 -9.61 6.33 -13.35
CA LYS A 140 -9.69 6.89 -14.71
C LYS A 140 -10.78 7.93 -14.81
N LEU A 141 -11.93 7.62 -14.24
CA LEU A 141 -13.08 8.53 -14.30
C LEU A 141 -12.87 9.79 -13.48
N ARG A 142 -12.05 9.72 -12.44
CA ARG A 142 -11.68 10.91 -11.63
C ARG A 142 -10.61 11.79 -12.27
N GLY A 143 -9.99 11.31 -13.35
CA GLY A 143 -9.02 12.08 -14.10
C GLY A 143 -7.56 11.75 -13.84
N VAL A 144 -7.29 10.55 -13.30
CA VAL A 144 -5.89 10.09 -13.21
C VAL A 144 -5.45 9.76 -14.64
N LYS A 145 -4.36 10.38 -15.09
CA LYS A 145 -3.99 10.33 -16.51
C LYS A 145 -3.38 9.00 -16.91
N ASP A 146 -2.69 8.35 -15.97
CA ASP A 146 -2.04 7.07 -16.25
C ASP A 146 -2.32 6.11 -15.08
N ALA A 147 -3.52 5.53 -15.06
CA ALA A 147 -3.92 4.49 -14.09
C ALA A 147 -4.01 3.15 -14.83
N ARG A 148 -3.34 2.12 -14.28
CA ARG A 148 -3.24 0.80 -14.88
C ARG A 148 -3.57 -0.28 -13.86
N GLN A 149 -4.23 -1.33 -14.35
CA GLN A 149 -4.51 -2.52 -13.55
C GLN A 149 -3.36 -3.51 -13.78
N VAL A 150 -2.41 -3.47 -12.84
CA VAL A 150 -1.28 -4.36 -12.91
CA VAL A 150 -1.12 -4.17 -12.91
C VAL A 150 -0.72 -4.57 -11.49
N ASN A 151 -0.24 -5.78 -11.29
CA ASN A 151 0.40 -6.19 -10.04
C ASN A 151 1.85 -5.70 -10.05
N LEU A 152 2.30 -5.01 -8.99
CA LEU A 152 3.67 -4.56 -8.87
C LEU A 152 4.70 -5.62 -9.24
N PHE A 153 4.42 -6.87 -8.84
CA PHE A 153 5.37 -7.96 -8.97
C PHE A 153 5.36 -8.66 -10.34
N ASP A 154 4.46 -8.24 -11.21
CA ASP A 154 4.31 -8.86 -12.55
C ASP A 154 5.64 -8.73 -13.28
N GLU A 155 6.19 -9.87 -13.76
CA GLU A 155 7.45 -9.86 -14.49
C GLU A 155 7.37 -9.01 -15.75
N ARG A 156 6.16 -8.84 -16.30
CA ARG A 156 5.96 -8.03 -17.51
C ARG A 156 5.84 -6.53 -17.24
N PHE A 157 5.69 -6.11 -15.98
CA PHE A 157 5.59 -4.69 -15.64
C PHE A 157 6.99 -4.11 -15.63
N ALA A 158 7.26 -3.24 -16.61
CA ALA A 158 8.61 -2.71 -16.82
C ALA A 158 8.46 -1.26 -17.19
N ALA A 159 9.05 -0.42 -16.36
CA ALA A 159 9.06 1.03 -16.46
C ALA A 159 10.02 1.50 -15.40
N THR A 160 10.52 2.73 -15.50
CA THR A 160 11.46 3.22 -14.49
C THR A 160 11.01 4.57 -13.92
N PHE A 161 11.42 4.78 -12.68
CA PHE A 161 10.91 5.86 -11.85
C PHE A 161 11.99 6.50 -11.02
N ASP A 162 11.83 7.80 -10.82
CA ASP A 162 12.64 8.55 -9.86
C ASP A 162 12.16 8.40 -8.42
N THR A 163 10.85 8.27 -8.24
CA THR A 163 10.26 8.09 -6.90
C THR A 163 9.19 6.99 -6.99
N ILE A 164 9.27 6.04 -6.08
CA ILE A 164 8.26 4.99 -5.93
C ILE A 164 7.58 5.20 -4.57
N LEU A 165 6.26 5.43 -4.61
CA LEU A 165 5.47 5.72 -3.40
C LEU A 165 4.70 4.49 -2.97
N LEU A 167 2.44 3.99 0.12
CA LEU A 167 1.82 4.72 1.25
C LEU A 167 0.55 4.05 1.76
N ASN A 169 0.42 2.29 5.03
CA ASN A 169 1.10 1.04 5.30
C ASN A 169 1.61 0.43 4.00
N GLY A 170 2.55 1.16 3.39
CA GLY A 170 3.13 0.78 2.13
C GLY A 170 3.83 -0.54 2.12
N SER A 171 4.30 -1.00 3.27
CA SER A 171 4.89 -2.32 3.37
C SER A 171 3.88 -3.45 3.10
N GLY A 172 2.60 -3.15 3.26
CA GLY A 172 1.57 -4.16 3.20
C GLY A 172 1.65 -5.12 2.06
N ILE A 173 1.84 -4.56 0.86
CA ILE A 173 1.89 -5.26 -0.42
CA ILE A 173 1.76 -5.41 -0.32
C ILE A 173 2.94 -6.38 -0.45
N ILE A 174 4.02 -6.17 0.31
CA ILE A 174 5.11 -7.18 0.39
C ILE A 174 4.61 -8.49 1.02
N GLY A 175 3.65 -8.39 1.94
CA GLY A 175 2.94 -9.55 2.50
C GLY A 175 3.63 -10.25 3.65
N ARG A 176 4.86 -10.70 3.40
CA ARG A 176 5.64 -11.48 4.37
CA ARG A 176 5.65 -11.50 4.35
C ARG A 176 7.12 -11.17 4.19
N LEU A 177 7.88 -11.32 5.28
CA LEU A 177 9.32 -11.08 5.22
C LEU A 177 10.04 -11.96 4.20
N GLU A 178 9.54 -13.17 3.98
CA GLU A 178 10.17 -14.05 2.95
C GLU A 178 10.07 -13.49 1.53
N ASN A 179 9.20 -12.49 1.32
CA ASN A 179 9.12 -11.79 0.03
C ASN A 179 10.04 -10.58 -0.10
N PRO A 181 13.38 -10.41 -0.59
CA PRO A 181 14.28 -10.48 -1.74
C PRO A 181 13.58 -10.18 -3.09
N LEU A 182 12.39 -10.75 -3.30
CA LEU A 182 11.61 -10.49 -4.51
C LEU A 182 11.29 -9.00 -4.63
N PHE A 183 10.88 -8.41 -3.50
CA PHE A 183 10.55 -6.99 -3.50
C PHE A 183 11.75 -6.14 -3.95
N PHE A 184 12.92 -6.36 -3.33
CA PHE A 184 14.07 -5.55 -3.66
C PHE A 184 14.60 -5.82 -5.07
N ARG A 185 14.44 -7.05 -5.56
CA ARG A 185 14.77 -7.33 -6.97
C ARG A 185 13.88 -6.52 -7.90
N LYS A 186 12.60 -6.42 -7.59
CA LYS A 186 11.70 -5.64 -8.42
C LYS A 186 12.05 -4.15 -8.34
N LYS A 188 14.98 -2.80 -7.82
CA LYS A 188 16.15 -2.59 -8.67
C LYS A 188 15.77 -2.41 -10.14
N GLN A 189 14.76 -3.15 -10.63
CA GLN A 189 14.33 -3.03 -12.02
C GLN A 189 13.59 -1.71 -12.30
N LEU A 190 12.88 -1.21 -11.29
CA LEU A 190 12.01 -0.05 -11.45
C LEU A 190 12.63 1.30 -11.12
N LEU A 191 13.75 1.31 -10.42
CA LEU A 191 14.35 2.57 -9.99
C LEU A 191 15.37 3.12 -10.97
N ARG A 192 15.22 4.40 -11.27
CA ARG A 192 16.26 5.12 -12.02
C ARG A 192 17.46 5.39 -11.11
N PRO A 193 18.61 5.71 -11.71
CA PRO A 193 19.76 6.15 -10.90
C PRO A 193 19.39 7.31 -9.98
N ASP A 194 19.84 7.21 -8.74
CA ASP A 194 19.50 8.16 -7.66
C ASP A 194 18.02 8.24 -7.29
N GLY A 195 17.24 7.23 -7.75
CA GLY A 195 15.84 7.14 -7.39
C GLY A 195 15.65 6.73 -5.95
N CYS A 196 14.43 6.86 -5.45
CA CYS A 196 14.14 6.41 -4.10
C CYS A 196 12.73 5.86 -3.97
N ILE A 197 12.55 5.07 -2.91
CA ILE A 197 11.24 4.57 -2.50
C ILE A 197 10.91 5.29 -1.22
N LEU A 198 9.69 5.81 -1.13
CA LEU A 198 9.14 6.41 0.10
C LEU A 198 8.04 5.49 0.59
N ASP A 200 5.75 4.13 4.13
CA ASP A 200 5.36 4.24 5.53
C ASP A 200 4.96 2.85 6.07
N SER A 201 5.19 2.66 7.35
CA SER A 201 4.67 1.49 8.06
C SER A 201 4.54 1.81 9.54
N SER A 202 4.38 0.76 10.33
CA SER A 202 4.11 0.84 11.78
C SER A 202 4.79 -0.31 12.48
N ASP A 203 5.30 -0.06 13.70
CA ASP A 203 5.73 -1.14 14.61
C ASP A 203 4.54 -1.58 15.44
N LEU A 204 4.01 -2.76 15.15
CA LEU A 204 2.83 -3.28 15.87
C LEU A 204 3.13 -4.00 17.16
N ARG A 205 4.38 -3.97 17.64
CA ARG A 205 4.76 -4.73 18.82
CA ARG A 205 4.75 -4.75 18.82
C ARG A 205 3.80 -4.49 19.99
N TYR A 206 3.43 -3.24 20.20
CA TYR A 206 2.57 -2.85 21.34
C TYR A 206 1.25 -3.64 21.40
N LEU A 207 0.73 -4.07 20.25
CA LEU A 207 -0.51 -4.86 20.18
C LEU A 207 -0.36 -6.31 20.66
N PHE A 208 0.86 -6.83 20.63
CA PHE A 208 1.17 -8.20 20.95
C PHE A 208 1.75 -8.40 22.33
N GLU A 209 1.72 -7.37 23.15
CA GLU A 209 2.25 -7.44 24.51
C GLU A 209 1.14 -7.53 25.54
N ASP A 210 1.45 -8.16 26.66
CA ASP A 210 0.54 -8.19 27.81
C ASP A 210 0.65 -6.87 28.62
N GLU A 211 -0.05 -6.75 29.74
CA GLU A 211 -0.07 -5.50 30.52
C GLU A 211 1.30 -5.06 30.98
N ASP A 212 2.17 -6.04 31.22
CA ASP A 212 3.52 -5.74 31.68
C ASP A 212 4.55 -5.56 30.56
N GLY A 213 4.10 -5.64 29.31
CA GLY A 213 5.01 -5.47 28.17
C GLY A 213 5.63 -6.74 27.62
N SER A 214 5.29 -7.89 28.24
CA SER A 214 5.85 -9.15 27.83
C SER A 214 5.21 -9.60 26.52
N PHE A 215 6.07 -10.09 25.64
CA PHE A 215 5.74 -10.37 24.27
C PHE A 215 5.12 -11.76 24.13
N ASP A 222 6.62 -16.85 13.49
CA ASP A 222 6.42 -15.78 12.52
C ASP A 222 6.54 -14.37 13.15
N TYR A 223 6.98 -13.41 12.36
CA TYR A 223 7.16 -12.03 12.77
C TYR A 223 5.78 -11.44 13.07
N TYR A 224 5.67 -10.69 14.17
CA TYR A 224 4.38 -10.21 14.65
C TYR A 224 3.66 -9.27 13.64
N GLY A 225 4.42 -8.58 12.79
CA GLY A 225 3.84 -7.70 11.77
C GLY A 225 3.26 -8.42 10.56
N GLU A 226 3.41 -9.74 10.48
CA GLU A 226 2.82 -10.54 9.39
C GLU A 226 1.35 -10.85 9.75
N ILE A 227 0.46 -9.96 9.31
CA ILE A 227 -0.97 -9.99 9.59
C ILE A 227 -1.67 -10.54 8.34
N ASP A 228 -2.85 -11.10 8.51
CA ASP A 228 -3.73 -11.37 7.40
C ASP A 228 -5.06 -10.67 7.58
N PHE A 229 -5.64 -10.33 6.45
CA PHE A 229 -6.93 -9.67 6.38
C PHE A 229 -7.79 -10.29 5.28
N ARG A 230 -9.09 -9.97 5.33
CA ARG A 230 -10.03 -10.28 4.26
C ARG A 230 -11.14 -9.24 4.38
N GLN A 232 -15.00 -7.52 3.06
CA GLN A 232 -16.34 -7.76 2.54
C GLN A 232 -17.04 -6.42 2.32
N TYR A 233 -17.74 -6.28 1.19
CA TYR A 233 -18.55 -5.09 0.91
C TYR A 233 -19.86 -5.57 0.33
N LYS A 234 -20.98 -5.30 1.04
CA LYS A 234 -22.28 -5.84 0.65
C LYS A 234 -22.12 -7.36 0.56
N ASP A 235 -22.39 -7.98 -0.60
CA ASP A 235 -22.23 -9.41 -0.81
C ASP A 235 -21.01 -9.74 -1.67
N ILE A 236 -20.06 -8.82 -1.70
CA ILE A 236 -18.78 -9.05 -2.37
CA ILE A 236 -18.78 -9.01 -2.38
C ILE A 236 -17.73 -9.45 -1.34
N GLN A 237 -17.26 -10.69 -1.48
CA GLN A 237 -16.25 -11.28 -0.60
CA GLN A 237 -16.24 -11.31 -0.63
C GLN A 237 -14.87 -11.30 -1.29
N GLY A 238 -13.89 -10.65 -0.66
CA GLY A 238 -12.53 -10.71 -1.13
C GLY A 238 -11.83 -11.91 -0.57
N ASP A 239 -10.85 -12.40 -1.31
CA ASP A 239 -10.00 -13.48 -0.84
C ASP A 239 -9.12 -12.97 0.30
N PRO A 240 -8.74 -13.86 1.25
CA PRO A 240 -7.80 -13.42 2.28
C PRO A 240 -6.45 -13.07 1.66
N PHE A 241 -5.76 -12.15 2.32
CA PHE A 241 -4.44 -11.72 1.88
C PHE A 241 -3.52 -11.44 3.04
N ASP A 242 -2.21 -11.61 2.78
CA ASP A 242 -1.18 -11.25 3.73
C ASP A 242 -0.90 -9.74 3.65
N TRP A 243 -0.73 -9.09 4.81
CA TRP A 243 -0.51 -7.64 4.86
C TRP A 243 0.60 -7.40 5.88
N LEU A 244 1.76 -7.00 5.39
CA LEU A 244 2.93 -6.81 6.26
C LEU A 244 2.98 -5.42 6.86
N TYR A 245 3.08 -5.39 8.19
CA TYR A 245 3.54 -4.19 8.92
C TYR A 245 4.97 -4.48 9.35
N ILE A 246 5.84 -3.47 9.30
CA ILE A 246 7.24 -3.73 9.58
C ILE A 246 7.81 -2.54 10.35
N ASP A 247 8.48 -2.84 11.46
CA ASP A 247 9.19 -1.80 12.22
C ASP A 247 10.45 -1.35 11.48
N PHE A 248 10.92 -0.13 11.80
CA PHE A 248 12.04 0.44 11.04
C PHE A 248 13.32 -0.41 11.10
N GLN A 249 13.64 -0.96 12.28
CA GLN A 249 14.89 -1.73 12.39
C GLN A 249 14.83 -2.99 11.55
N THR A 250 13.66 -3.64 11.55
CA THR A 250 13.49 -4.84 10.72
C THR A 250 13.60 -4.46 9.22
N LEU A 251 12.96 -3.35 8.84
CA LEU A 251 13.02 -2.88 7.47
C LEU A 251 14.46 -2.58 7.05
N SER A 252 15.20 -1.88 7.92
CA SER A 252 16.59 -1.56 7.65
C SER A 252 17.46 -2.81 7.43
N ALA A 253 17.23 -3.83 8.26
CA ALA A 253 18.00 -5.07 8.15
C ALA A 253 17.75 -5.77 6.81
N TYR A 254 16.48 -5.93 6.44
CA TYR A 254 16.17 -6.59 5.16
C TYR A 254 16.63 -5.75 3.95
N ALA A 255 16.57 -4.42 4.06
CA ALA A 255 17.11 -3.52 3.03
C ALA A 255 18.61 -3.79 2.88
N ALA A 256 19.34 -3.76 3.99
CA ALA A 256 20.78 -3.99 3.95
C ALA A 256 21.18 -5.35 3.36
N ASP A 257 20.39 -6.38 3.66
CA ASP A 257 20.63 -7.74 3.17
C ASP A 257 20.43 -7.88 1.65
N ASN A 258 19.75 -6.92 1.03
CA ASN A 258 19.36 -6.94 -0.36
C ASN A 258 19.91 -5.75 -1.16
N GLY A 259 20.97 -5.12 -0.63
CA GLY A 259 21.69 -4.08 -1.33
C GLY A 259 21.02 -2.72 -1.35
N PHE A 260 20.18 -2.45 -0.34
CA PHE A 260 19.48 -1.18 -0.17
C PHE A 260 19.89 -0.56 1.16
N LYS A 261 19.68 0.74 1.25
CA LYS A 261 19.87 1.52 2.48
C LYS A 261 18.49 2.06 2.88
N ALA A 262 18.17 1.99 4.17
CA ALA A 262 16.97 2.59 4.73
C ALA A 262 17.32 3.81 5.59
N GLU A 263 16.56 4.90 5.43
CA GLU A 263 16.71 6.13 6.21
C GLU A 263 15.36 6.48 6.82
N ILE A 265 12.84 9.06 7.83
CA ILE A 265 12.54 10.45 7.41
C ILE A 265 11.68 11.18 8.44
N LYS A 266 10.62 10.53 8.92
CA LYS A 266 9.74 11.12 9.91
C LYS A 266 8.99 10.08 10.74
N GLU A 267 8.79 10.40 12.03
CA GLU A 267 7.94 9.61 12.90
C GLU A 267 6.60 10.28 13.13
N GLY A 268 5.55 9.46 13.21
CA GLY A 268 4.22 9.89 13.62
C GLY A 268 4.12 9.64 15.11
N LYS A 269 2.90 9.79 15.63
CA LYS A 269 2.64 9.69 17.06
C LYS A 269 1.96 8.36 17.47
N HIS A 270 1.88 7.40 16.55
CA HIS A 270 1.22 6.12 16.81
C HIS A 270 2.07 4.96 16.26
N TYR A 271 3.35 4.96 16.64
CA TYR A 271 4.32 3.89 16.28
C TYR A 271 4.56 3.76 14.76
N ASP A 272 4.18 4.80 14.04
CA ASP A 272 4.28 4.86 12.59
C ASP A 272 5.45 5.73 12.15
N TYR A 273 5.91 5.47 10.92
CA TYR A 273 7.05 6.18 10.38
C TYR A 273 7.06 6.18 8.86
N LEU A 274 7.80 7.13 8.32
CA LEU A 274 8.09 7.23 6.90
C LEU A 274 9.56 6.98 6.72
N ALA A 275 9.89 6.03 5.83
CA ALA A 275 11.26 5.72 5.50
C ALA A 275 11.55 5.97 4.02
N ARG A 276 12.82 6.20 3.73
CA ARG A 276 13.34 6.32 2.36
C ARG A 276 14.32 5.19 2.11
N LEU A 277 14.09 4.45 1.04
CA LEU A 277 14.94 3.33 0.64
C LEU A 277 15.63 3.70 -0.69
N THR A 278 16.92 3.44 -0.75
CA THR A 278 17.72 3.71 -1.95
C THR A 278 18.67 2.54 -2.18
N VAL A 279 19.11 2.39 -3.43
CA VAL A 279 20.10 1.37 -3.77
C VAL A 279 21.40 1.77 -3.10
N ALA A 280 22.05 0.83 -2.42
CA ALA A 280 23.24 1.15 -1.65
C ALA A 280 24.37 1.46 -2.62
N LEU A 281 25.15 2.46 -2.25
CA LEU A 281 26.26 2.92 -3.07
C LEU A 281 27.44 1.99 -2.83
#